data_9BFB
#
_entry.id   9BFB
#
_cell.length_a   97.609
_cell.length_b   97.609
_cell.length_c   69.311
_cell.angle_alpha   90.000
_cell.angle_beta   90.000
_cell.angle_gamma   120.000
#
_symmetry.space_group_name_H-M   'P 31 2 1'
#
loop_
_entity.id
_entity.type
_entity.pdbx_description
1 polymer 'Serine/threonine-protein kinase B-raf'
2 non-polymer DI(HYDROXYETHYL)ETHER
3 non-polymer GLYCEROL
4 non-polymer N-{2-chloro-3-[(3,5-dimethyl-4-oxo-3,4-dihydroquinazolin-6-yl)amino]-4-fluorophenyl}-3-fluoropropane-1-sulfonamide
5 water water
#
_entity_poly.entity_id   1
_entity_poly.type   'polypeptide(L)'
_entity_poly.pdbx_seq_one_letter_code
;MGHHHHHHGLVPRGSDSSDDWEIPDGQITVGQRIGSGSFGTVYKGKWHGDVAVKMLNVTAPTPQQLQAFKNEVGVLRKTR
HVNILLFMGYSTKPQLAIVTQWCEGSSLYHHLHIIETKFEMIKLIDIARQTAQGMDYLHAKSIIHRDLKSNNIFLHEDLT
VKIGDFGLATVKSRWSGSHQFEQLSGSILWMAPEVIRMQDKNPYSFQSDVYAFGIVLYELMTGQLPYSNINNRDQIIAMV
GAGALSPDLSKVRSNCPKAMKRLMAECLKKKRDERPLFPQILASIELLARSLPK
;
_entity_poly.pdbx_strand_id   A
#
loop_
_chem_comp.id
_chem_comp.type
_chem_comp.name
_chem_comp.formula
A1AN9 non-polymer N-{2-chloro-3-[(3,5-dimethyl-4-oxo-3,4-dihydroquinazolin-6-yl)amino]-4-fluorophenyl}-3-fluoropropane-1-sulfonamide 'C19 H19 Cl F2 N4 O3 S'
GOL non-polymer GLYCEROL 'C3 H8 O3'
PEG non-polymer DI(HYDROXYETHYL)ETHER 'C4 H10 O3'
#
# COMPACT_ATOMS: atom_id res chain seq x y z
N ASP A 19 16.85 12.57 -18.54
CA ASP A 19 16.33 11.26 -18.15
C ASP A 19 15.39 10.70 -19.22
N ASP A 20 15.65 9.45 -19.62
CA ASP A 20 14.96 8.82 -20.74
C ASP A 20 13.56 8.34 -20.39
N TRP A 21 13.20 8.31 -19.11
CA TRP A 21 11.87 7.89 -18.71
C TRP A 21 10.86 9.02 -18.69
N GLU A 22 11.24 10.22 -19.12
CA GLU A 22 10.27 11.29 -19.24
C GLU A 22 9.48 11.09 -20.52
N ILE A 23 8.17 10.98 -20.41
CA ILE A 23 7.31 10.88 -21.59
C ILE A 23 7.21 12.28 -22.17
N PRO A 24 7.54 12.48 -23.45
CA PRO A 24 7.46 13.83 -24.03
C PRO A 24 6.04 14.38 -23.95
N ASP A 25 5.92 15.68 -23.65
CA ASP A 25 4.59 16.27 -23.58
C ASP A 25 3.88 16.14 -24.93
N GLY A 26 2.56 15.98 -24.88
CA GLY A 26 1.77 15.79 -26.08
C GLY A 26 1.49 14.35 -26.44
N GLN A 27 2.08 13.40 -25.73
CA GLN A 27 1.86 11.99 -26.05
C GLN A 27 0.72 11.37 -25.24
N ILE A 28 0.53 11.81 -24.01
CA ILE A 28 -0.46 11.21 -23.11
C ILE A 28 -1.78 11.94 -23.31
N THR A 29 -2.86 11.17 -23.47
CA THR A 29 -4.21 11.72 -23.49
C THR A 29 -4.91 11.35 -22.18
N VAL A 30 -5.34 12.33 -21.42
CA VAL A 30 -5.99 12.09 -20.14
C VAL A 30 -7.45 11.68 -20.37
N GLY A 31 -7.92 10.71 -19.57
CA GLY A 31 -9.33 10.37 -19.56
C GLY A 31 -9.99 10.44 -18.18
N GLN A 32 -10.75 9.40 -17.84
CA GLN A 32 -11.59 9.42 -16.64
C GLN A 32 -10.83 9.78 -15.37
N ARG A 33 -11.38 10.68 -14.56
CA ARG A 33 -10.80 10.94 -13.24
C ARG A 33 -11.19 9.80 -12.30
N ILE A 34 -10.20 9.10 -11.77
CA ILE A 34 -10.48 7.97 -10.89
C ILE A 34 -10.72 8.45 -9.47
N GLY A 35 -9.96 9.43 -9.01
CA GLY A 35 -10.19 10.01 -7.70
C GLY A 35 -9.08 10.98 -7.36
N SER A 36 -9.35 11.87 -6.42
CA SER A 36 -8.35 12.83 -5.96
C SER A 36 -8.09 12.51 -4.51
N GLY A 37 -6.89 11.98 -4.22
CA GLY A 37 -6.52 11.55 -2.89
C GLY A 37 -5.76 12.61 -2.12
N SER A 38 -5.21 12.18 -0.98
CA SER A 38 -4.39 13.10 -0.21
C SER A 38 -3.10 13.46 -0.95
N PHE A 39 -2.66 12.63 -1.89
CA PHE A 39 -1.46 12.90 -2.68
C PHE A 39 -1.78 12.64 -4.14
N GLY A 40 -2.22 13.67 -4.85
CA GLY A 40 -2.38 13.61 -6.28
C GLY A 40 -3.76 13.14 -6.71
N THR A 41 -4.05 13.37 -7.99
CA THR A 41 -5.27 12.89 -8.63
C THR A 41 -4.89 11.87 -9.70
N VAL A 42 -5.58 10.74 -9.73
CA VAL A 42 -5.31 9.68 -10.70
C VAL A 42 -6.36 9.74 -11.79
N TYR A 43 -5.91 9.69 -13.05
CA TYR A 43 -6.78 9.62 -14.20
C TYR A 43 -6.46 8.35 -14.98
N LYS A 44 -7.48 7.73 -15.56
CA LYS A 44 -7.21 6.82 -16.66
C LYS A 44 -6.71 7.64 -17.86
N GLY A 45 -5.81 7.05 -18.65
CA GLY A 45 -5.23 7.76 -19.77
C GLY A 45 -4.93 6.86 -20.93
N LYS A 46 -4.53 7.47 -22.05
CA LYS A 46 -4.07 6.74 -23.22
C LYS A 46 -2.61 7.13 -23.50
N TRP A 47 -1.73 6.13 -23.50
CA TRP A 47 -0.36 6.33 -23.97
C TRP A 47 0.12 4.94 -24.36
N HIS A 48 0.10 4.66 -25.66
CA HIS A 48 0.28 3.30 -26.17
C HIS A 48 -0.71 2.35 -25.51
N GLY A 49 -1.97 2.77 -25.44
CA GLY A 49 -3.01 1.99 -24.80
C GLY A 49 -3.37 2.58 -23.45
N ASP A 50 -4.15 1.81 -22.69
CA ASP A 50 -4.60 2.27 -21.38
C ASP A 50 -3.42 2.44 -20.42
N VAL A 51 -3.42 3.56 -19.70
CA VAL A 51 -2.48 3.80 -18.61
C VAL A 51 -3.24 4.48 -17.46
N ALA A 52 -2.58 4.57 -16.32
CA ALA A 52 -3.01 5.44 -15.22
C ALA A 52 -2.00 6.57 -15.10
N VAL A 53 -2.50 7.78 -14.82
CA VAL A 53 -1.68 8.97 -14.72
C VAL A 53 -1.97 9.61 -13.37
N LYS A 54 -0.95 9.68 -12.49
CA LYS A 54 -1.13 10.32 -11.20
C LYS A 54 -0.51 11.70 -11.29
N MET A 55 -1.33 12.73 -11.28
CA MET A 55 -0.83 14.08 -11.41
C MET A 55 -0.66 14.69 -10.02
N LEU A 56 0.50 15.28 -9.78
CA LEU A 56 0.80 15.83 -8.46
C LEU A 56 0.44 17.31 -8.45
N ASN A 57 1.09 18.10 -7.59
CA ASN A 57 0.70 19.48 -7.37
C ASN A 57 0.93 20.37 -8.60
N VAL A 58 0.15 21.45 -8.68
CA VAL A 58 0.23 22.38 -9.82
C VAL A 58 1.51 23.21 -9.76
N PRO A 61 8.11 22.88 -10.05
CA PRO A 61 9.18 22.61 -9.09
C PRO A 61 10.44 23.40 -9.39
N THR A 62 11.19 23.70 -8.34
CA THR A 62 12.50 24.30 -8.52
C THR A 62 13.44 23.28 -9.16
N PRO A 63 14.55 23.74 -9.74
CA PRO A 63 15.56 22.78 -10.24
C PRO A 63 15.96 21.75 -9.21
N GLN A 64 16.01 22.13 -7.94
CA GLN A 64 16.34 21.17 -6.90
C GLN A 64 15.22 20.16 -6.71
N GLN A 65 13.96 20.61 -6.77
CA GLN A 65 12.87 19.66 -6.63
C GLN A 65 12.79 18.73 -7.84
N LEU A 66 13.05 19.26 -9.03
CA LEU A 66 13.05 18.42 -10.22
C LEU A 66 14.11 17.33 -10.13
N GLN A 67 15.31 17.67 -9.65
CA GLN A 67 16.35 16.66 -9.46
C GLN A 67 15.94 15.65 -8.41
N ALA A 68 15.35 16.10 -7.30
CA ALA A 68 14.90 15.17 -6.27
C ALA A 68 13.82 14.24 -6.79
N PHE A 69 12.90 14.79 -7.60
CA PHE A 69 11.82 13.99 -8.16
C PHE A 69 12.39 12.91 -9.07
N LYS A 70 13.35 13.27 -9.91
CA LYS A 70 14.02 12.30 -10.76
C LYS A 70 14.75 11.24 -9.95
N ASN A 71 15.34 11.63 -8.81
CA ASN A 71 15.97 10.66 -7.94
C ASN A 71 14.96 9.65 -7.43
N GLU A 72 13.76 10.12 -7.08
CA GLU A 72 12.71 9.22 -6.61
C GLU A 72 12.24 8.31 -7.72
N VAL A 73 12.15 8.85 -8.94
CA VAL A 73 11.79 8.01 -10.07
C VAL A 73 12.82 6.89 -10.22
N GLY A 74 14.07 7.17 -9.83
CA GLY A 74 15.09 6.12 -9.84
C GLY A 74 14.70 4.92 -9.00
N VAL A 75 14.00 5.15 -7.88
CA VAL A 75 13.53 4.04 -7.05
C VAL A 75 12.46 3.24 -7.79
N LEU A 76 11.51 3.94 -8.41
CA LEU A 76 10.47 3.24 -9.16
C LEU A 76 11.09 2.40 -10.26
N ARG A 77 12.14 2.93 -10.89
CA ARG A 77 12.78 2.23 -12.01
C ARG A 77 13.44 0.93 -11.56
N LYS A 78 13.61 0.74 -10.26
CA LYS A 78 14.15 -0.50 -9.72
C LYS A 78 13.12 -1.62 -9.68
N THR A 79 11.84 -1.36 -9.95
CA THR A 79 10.83 -2.37 -9.66
C THR A 79 10.31 -2.97 -10.97
N ARG A 80 10.42 -4.30 -11.07
CA ARG A 80 9.95 -5.06 -12.22
C ARG A 80 9.45 -6.40 -11.66
N HIS A 81 8.17 -6.45 -11.26
CA HIS A 81 7.63 -7.66 -10.64
C HIS A 81 6.13 -7.67 -10.87
N VAL A 82 5.54 -8.85 -11.13
N VAL A 82 5.56 -8.85 -11.11
CA VAL A 82 4.12 -8.88 -11.50
CA VAL A 82 4.15 -8.89 -11.48
C VAL A 82 3.17 -8.58 -10.34
C VAL A 82 3.26 -8.34 -10.37
N ASN A 83 3.66 -8.49 -9.11
CA ASN A 83 2.80 -8.03 -8.01
C ASN A 83 3.06 -6.57 -7.63
N ILE A 84 3.85 -5.86 -8.43
CA ILE A 84 4.16 -4.45 -8.22
C ILE A 84 3.58 -3.68 -9.39
N LEU A 85 2.75 -2.69 -9.08
CA LEU A 85 2.19 -1.83 -10.11
C LEU A 85 3.30 -1.38 -11.05
N LEU A 86 3.08 -1.52 -12.35
CA LEU A 86 4.14 -1.31 -13.35
C LEU A 86 4.33 0.17 -13.65
N PHE A 87 5.45 0.73 -13.19
CA PHE A 87 5.89 2.06 -13.60
C PHE A 87 6.14 2.05 -15.11
N MET A 88 5.68 3.12 -15.80
CA MET A 88 5.87 3.23 -17.24
C MET A 88 6.57 4.51 -17.68
N GLY A 89 6.59 5.56 -16.85
CA GLY A 89 7.21 6.81 -17.25
C GLY A 89 6.72 7.92 -16.34
N TYR A 90 7.27 9.11 -16.56
CA TYR A 90 6.84 10.26 -15.78
C TYR A 90 6.73 11.46 -16.69
N SER A 91 6.00 12.47 -16.21
N SER A 91 6.03 12.49 -16.21
CA SER A 91 5.84 13.73 -16.91
CA SER A 91 5.91 13.72 -16.95
C SER A 91 6.28 14.88 -16.01
C SER A 91 6.26 14.88 -16.03
N THR A 92 6.67 16.00 -16.63
CA THR A 92 6.89 17.24 -15.89
C THR A 92 5.95 18.34 -16.35
N LYS A 93 5.27 18.16 -17.47
CA LYS A 93 4.31 19.15 -18.00
C LYS A 93 3.00 18.45 -18.34
N PRO A 94 1.86 19.03 -17.94
CA PRO A 94 1.67 20.33 -17.26
C PRO A 94 2.18 20.32 -15.83
N GLN A 95 2.24 19.15 -15.19
CA GLN A 95 2.64 19.03 -13.80
C GLN A 95 3.48 17.77 -13.66
N LEU A 96 4.18 17.66 -12.54
CA LEU A 96 4.82 16.39 -12.21
C LEU A 96 3.76 15.28 -12.20
N ALA A 97 4.07 14.14 -12.81
CA ALA A 97 3.12 13.03 -12.85
C ALA A 97 3.88 11.72 -12.99
N ILE A 98 3.25 10.65 -12.48
CA ILE A 98 3.75 9.28 -12.61
C ILE A 98 2.74 8.50 -13.46
N VAL A 99 3.24 7.83 -14.49
CA VAL A 99 2.41 7.04 -15.39
C VAL A 99 2.65 5.57 -15.10
N THR A 100 1.58 4.79 -14.96
CA THR A 100 1.72 3.36 -14.73
C THR A 100 0.74 2.61 -15.63
N GLN A 101 0.84 1.28 -15.61
CA GLN A 101 -0.21 0.47 -16.21
C GLN A 101 -1.55 0.82 -15.61
N TRP A 102 -2.59 0.61 -16.40
CA TRP A 102 -3.97 0.65 -15.92
C TRP A 102 -4.37 -0.74 -15.45
N CYS A 103 -4.87 -0.85 -14.22
CA CYS A 103 -5.31 -2.14 -13.71
C CYS A 103 -6.79 -2.32 -14.02
N GLU A 104 -7.13 -3.43 -14.68
CA GLU A 104 -8.52 -3.74 -15.00
C GLU A 104 -9.18 -4.37 -13.78
N GLY A 105 -9.90 -3.57 -13.02
CA GLY A 105 -10.54 -4.08 -11.83
C GLY A 105 -10.60 -3.00 -10.77
N SER A 106 -10.65 -3.42 -9.51
CA SER A 106 -10.80 -2.46 -8.41
C SER A 106 -9.72 -2.72 -7.38
N SER A 107 -9.56 -1.76 -6.47
CA SER A 107 -8.67 -1.97 -5.35
C SER A 107 -9.27 -2.94 -4.35
N LEU A 108 -8.41 -3.48 -3.49
CA LEU A 108 -8.89 -4.35 -2.42
CA LEU A 108 -8.90 -4.35 -2.43
C LEU A 108 -9.83 -3.60 -1.48
N TYR A 109 -9.52 -2.33 -1.20
CA TYR A 109 -10.40 -1.53 -0.36
C TYR A 109 -11.81 -1.47 -0.94
N HIS A 110 -11.89 -1.19 -2.24
CA HIS A 110 -13.18 -1.14 -2.93
C HIS A 110 -13.92 -2.47 -2.83
N HIS A 111 -13.24 -3.58 -3.15
CA HIS A 111 -13.90 -4.88 -3.05
C HIS A 111 -14.42 -5.15 -1.65
N LEU A 112 -13.58 -4.97 -0.63
CA LEU A 112 -13.94 -5.44 0.70
C LEU A 112 -14.96 -4.52 1.36
N HIS A 113 -14.79 -3.21 1.19
CA HIS A 113 -15.52 -2.27 2.04
C HIS A 113 -16.58 -1.45 1.31
N ILE A 114 -16.54 -1.38 -0.01
CA ILE A 114 -17.48 -0.57 -0.79
C ILE A 114 -18.53 -1.44 -1.48
N ILE A 115 -18.10 -2.34 -2.35
CA ILE A 115 -19.05 -3.24 -3.01
C ILE A 115 -19.16 -4.59 -2.32
N GLU A 116 -18.33 -4.86 -1.32
CA GLU A 116 -18.48 -6.02 -0.44
C GLU A 116 -18.48 -7.33 -1.24
N THR A 117 -17.48 -7.45 -2.11
CA THR A 117 -17.26 -8.70 -2.83
C THR A 117 -17.08 -9.85 -1.85
N LYS A 118 -17.67 -10.99 -2.16
CA LYS A 118 -17.62 -12.18 -1.30
C LYS A 118 -16.60 -13.14 -1.90
N PHE A 119 -15.33 -13.00 -1.51
CA PHE A 119 -14.28 -13.90 -1.97
C PHE A 119 -14.34 -15.20 -1.18
N GLU A 120 -14.04 -16.32 -1.84
CA GLU A 120 -13.85 -17.56 -1.09
C GLU A 120 -12.55 -17.48 -0.31
N MET A 121 -12.47 -18.27 0.78
CA MET A 121 -11.28 -18.21 1.62
C MET A 121 -10.01 -18.55 0.84
N ILE A 122 -10.08 -19.53 -0.07
CA ILE A 122 -8.90 -19.87 -0.86
C ILE A 122 -8.41 -18.67 -1.64
N LYS A 123 -9.32 -17.81 -2.10
CA LYS A 123 -8.90 -16.65 -2.89
C LYS A 123 -8.40 -15.53 -1.99
N LEU A 124 -9.01 -15.35 -0.82
CA LEU A 124 -8.49 -14.41 0.17
C LEU A 124 -7.06 -14.77 0.56
N ILE A 125 -6.80 -16.07 0.73
CA ILE A 125 -5.44 -16.51 1.06
C ILE A 125 -4.49 -16.21 -0.09
N ASP A 126 -4.96 -16.41 -1.33
CA ASP A 126 -4.12 -16.15 -2.47
C ASP A 126 -3.81 -14.67 -2.60
N ILE A 127 -4.79 -13.80 -2.31
CA ILE A 127 -4.55 -12.36 -2.34
C ILE A 127 -3.51 -11.99 -1.30
N ALA A 128 -3.61 -12.59 -0.11
CA ALA A 128 -2.59 -12.35 0.93
C ALA A 128 -1.23 -12.83 0.46
N ARG A 129 -1.19 -14.01 -0.16
CA ARG A 129 0.07 -14.55 -0.66
C ARG A 129 0.69 -13.62 -1.69
N GLN A 130 -0.10 -13.17 -2.67
CA GLN A 130 0.43 -12.29 -3.71
C GLN A 130 0.89 -10.97 -3.14
N THR A 131 0.16 -10.44 -2.16
CA THR A 131 0.60 -9.20 -1.55
C THR A 131 1.94 -9.39 -0.84
N ALA A 132 2.07 -10.49 -0.08
CA ALA A 132 3.34 -10.78 0.57
C ALA A 132 4.44 -10.97 -0.46
N GLN A 133 4.11 -11.54 -1.61
CA GLN A 133 5.11 -11.76 -2.65
C GLN A 133 5.66 -10.43 -3.17
N GLY A 134 4.76 -9.47 -3.43
CA GLY A 134 5.21 -8.14 -3.83
C GLY A 134 6.03 -7.44 -2.75
N MET A 135 5.55 -7.46 -1.51
CA MET A 135 6.32 -6.83 -0.42
C MET A 135 7.69 -7.45 -0.26
N ASP A 136 7.80 -8.78 -0.34
CA ASP A 136 9.10 -9.44 -0.24
C ASP A 136 10.02 -8.93 -1.34
N TYR A 137 9.49 -8.74 -2.55
CA TYR A 137 10.30 -8.23 -3.65
C TYR A 137 10.82 -6.82 -3.34
N LEU A 138 9.95 -5.93 -2.88
CA LEU A 138 10.36 -4.57 -2.53
C LEU A 138 11.46 -4.59 -1.48
N HIS A 139 11.27 -5.39 -0.43
CA HIS A 139 12.24 -5.42 0.65
C HIS A 139 13.57 -5.99 0.18
N ALA A 140 13.52 -6.98 -0.73
CA ALA A 140 14.76 -7.51 -1.30
C ALA A 140 15.52 -6.43 -2.06
N LYS A 141 14.81 -5.50 -2.68
CA LYS A 141 15.38 -4.33 -3.35
C LYS A 141 15.67 -3.15 -2.40
N SER A 142 15.58 -3.37 -1.08
CA SER A 142 15.84 -2.34 -0.08
C SER A 142 14.85 -1.18 -0.18
N ILE A 143 13.63 -1.46 -0.61
CA ILE A 143 12.59 -0.44 -0.71
C ILE A 143 11.63 -0.67 0.44
N ILE A 144 11.52 0.30 1.34
CA ILE A 144 10.43 0.32 2.31
C ILE A 144 9.24 0.99 1.65
N HIS A 145 8.08 0.34 1.70
CA HIS A 145 6.90 0.87 1.02
C HIS A 145 6.45 2.18 1.68
N ARG A 146 6.23 2.15 2.99
N ARG A 146 6.23 2.14 2.99
CA ARG A 146 5.86 3.24 3.90
CA ARG A 146 5.88 3.26 3.88
C ARG A 146 4.37 3.58 3.83
C ARG A 146 4.40 3.63 3.80
N ASP A 147 3.63 3.08 2.85
CA ASP A 147 2.25 3.54 2.68
C ASP A 147 1.32 2.41 2.27
N LEU A 148 1.59 1.18 2.72
CA LEU A 148 0.79 0.05 2.24
C LEU A 148 -0.60 0.11 2.85
N LYS A 149 -1.61 0.00 2.00
CA LYS A 149 -2.98 -0.08 2.47
C LYS A 149 -3.85 -0.66 1.36
N SER A 150 -5.05 -1.11 1.73
CA SER A 150 -5.86 -1.84 0.77
C SER A 150 -6.33 -0.97 -0.40
N ASN A 151 -6.33 0.36 -0.28
CA ASN A 151 -6.78 1.07 -1.48
C ASN A 151 -5.66 1.33 -2.47
N ASN A 152 -4.41 0.92 -2.17
CA ASN A 152 -3.37 0.94 -3.19
C ASN A 152 -2.87 -0.47 -3.47
N ILE A 153 -3.74 -1.46 -3.26
CA ILE A 153 -3.52 -2.83 -3.71
C ILE A 153 -4.64 -3.14 -4.69
N PHE A 154 -4.30 -3.35 -5.95
CA PHE A 154 -5.29 -3.45 -7.02
C PHE A 154 -5.40 -4.90 -7.47
N LEU A 155 -6.65 -5.37 -7.68
CA LEU A 155 -6.89 -6.76 -8.09
C LEU A 155 -7.10 -6.76 -9.60
N HIS A 156 -6.00 -6.88 -10.34
CA HIS A 156 -6.00 -6.73 -11.78
C HIS A 156 -6.68 -7.92 -12.44
N GLU A 157 -7.69 -7.66 -13.28
CA GLU A 157 -8.45 -8.70 -13.98
C GLU A 157 -9.07 -9.69 -13.00
N ASP A 158 -9.28 -9.23 -11.76
CA ASP A 158 -9.80 -10.04 -10.65
C ASP A 158 -8.86 -11.19 -10.29
N LEU A 159 -7.60 -11.17 -10.75
CA LEU A 159 -6.68 -12.30 -10.55
C LEU A 159 -5.34 -11.93 -9.94
N THR A 160 -4.74 -10.82 -10.34
CA THR A 160 -3.35 -10.54 -9.99
C THR A 160 -3.27 -9.30 -9.12
N VAL A 161 -2.66 -9.44 -7.95
CA VAL A 161 -2.45 -8.31 -7.05
C VAL A 161 -1.38 -7.40 -7.61
N LYS A 162 -1.63 -6.08 -7.60
CA LYS A 162 -0.63 -5.09 -7.95
C LYS A 162 -0.55 -4.08 -6.82
N ILE A 163 0.63 -3.94 -6.24
CA ILE A 163 0.86 -3.00 -5.13
C ILE A 163 1.39 -1.70 -5.72
N GLY A 164 0.76 -0.58 -5.35
CA GLY A 164 1.25 0.71 -5.78
C GLY A 164 1.46 1.68 -4.63
N ASP A 165 1.71 2.94 -4.96
CA ASP A 165 1.75 4.03 -3.99
C ASP A 165 2.94 3.94 -3.03
N PHE A 166 4.04 3.30 -3.43
CA PHE A 166 5.28 3.38 -2.66
C PHE A 166 6.26 4.40 -3.21
N GLY A 167 5.95 5.04 -4.32
CA GLY A 167 6.88 5.99 -4.90
C GLY A 167 6.88 7.35 -4.20
N LEU A 168 7.93 8.13 -4.50
CA LEU A 168 8.02 9.54 -4.11
C LEU A 168 7.88 9.73 -2.60
N ALA A 169 8.56 8.86 -1.84
CA ALA A 169 8.48 8.93 -0.39
C ALA A 169 8.98 10.27 0.14
N THR A 170 10.08 10.79 -0.43
CA THR A 170 10.59 12.07 0.03
C THR A 170 9.67 13.21 -0.39
N VAL A 171 9.14 13.14 -1.62
CA VAL A 171 8.19 14.15 -2.06
C VAL A 171 6.95 14.13 -1.17
N LYS A 172 6.39 12.95 -0.91
CA LYS A 172 5.18 12.84 -0.09
C LYS A 172 5.43 13.32 1.33
N SER A 173 6.57 12.96 1.89
CA SER A 173 6.75 13.16 3.32
C SER A 173 7.47 14.44 3.66
N ARG A 174 8.33 14.93 2.78
CA ARG A 174 9.22 16.02 3.15
C ARG A 174 8.90 17.34 2.47
N TRP A 175 8.25 17.35 1.31
CA TRP A 175 8.05 18.63 0.63
C TRP A 175 6.95 19.43 1.30
N SER A 176 7.16 20.74 1.34
CA SER A 176 6.14 21.67 1.79
C SER A 176 4.91 21.56 0.88
N GLY A 177 3.73 21.44 1.49
CA GLY A 177 2.50 21.41 0.74
C GLY A 177 2.15 20.10 0.09
N SER A 178 2.68 18.99 0.61
CA SER A 178 2.34 17.68 0.07
C SER A 178 1.13 17.07 0.77
N HIS A 179 0.34 17.88 1.49
CA HIS A 179 -0.90 17.40 2.14
C HIS A 179 -0.62 16.30 3.16
N GLN A 180 0.44 16.48 3.95
CA GLN A 180 0.80 15.47 4.94
C GLN A 180 -0.32 15.28 5.98
N PHE A 181 -0.97 16.38 6.35
CA PHE A 181 -2.13 16.31 7.24
C PHE A 181 -3.21 15.40 6.69
N GLU A 182 -3.60 15.60 5.43
CA GLU A 182 -4.58 14.72 4.82
C GLU A 182 -4.05 13.30 4.69
N GLN A 183 -2.75 13.15 4.41
CA GLN A 183 -2.21 11.80 4.27
C GLN A 183 -2.33 11.01 5.57
N LEU A 184 -2.06 11.67 6.70
CA LEU A 184 -2.22 11.03 8.00
C LEU A 184 -3.64 10.53 8.19
N SER A 185 -4.64 11.38 7.92
CA SER A 185 -6.02 10.95 8.09
C SER A 185 -6.34 9.73 7.22
N GLY A 186 -5.80 9.68 6.01
CA GLY A 186 -6.07 8.57 5.13
C GLY A 186 -5.31 7.30 5.41
N SER A 187 -4.26 7.35 6.22
CA SER A 187 -3.37 6.22 6.42
CA SER A 187 -3.39 6.19 6.41
C SER A 187 -3.36 5.66 7.83
N ILE A 188 -4.01 6.32 8.80
CA ILE A 188 -3.83 5.97 10.21
C ILE A 188 -4.11 4.51 10.49
N LEU A 189 -5.11 3.92 9.81
CA LEU A 189 -5.52 2.55 10.15
C LEU A 189 -4.42 1.54 9.92
N TRP A 190 -3.51 1.81 8.98
CA TRP A 190 -2.45 0.87 8.63
C TRP A 190 -1.13 1.20 9.30
N MET A 191 -1.08 2.21 10.16
CA MET A 191 0.18 2.79 10.58
C MET A 191 0.63 2.17 11.90
N ALA A 192 1.83 1.59 11.89
CA ALA A 192 2.37 0.93 13.07
C ALA A 192 2.51 1.93 14.23
N PRO A 193 2.41 1.45 15.48
CA PRO A 193 2.57 2.37 16.62
C PRO A 193 3.83 3.23 16.55
N GLU A 194 4.96 2.66 16.12
CA GLU A 194 6.19 3.45 16.10
C GLU A 194 6.21 4.45 14.94
N VAL A 195 5.45 4.20 13.87
CA VAL A 195 5.32 5.20 12.82
C VAL A 195 4.42 6.34 13.27
N ILE A 196 3.39 6.05 14.07
CA ILE A 196 2.59 7.13 14.63
C ILE A 196 3.47 8.06 15.46
N ARG A 197 4.28 7.50 16.37
CA ARG A 197 5.05 8.32 17.31
C ARG A 197 6.23 9.00 16.63
N MET A 198 6.89 8.31 15.70
CA MET A 198 8.11 8.82 15.03
C MET A 198 9.23 9.11 16.02
N GLN A 199 9.21 8.51 17.19
CA GLN A 199 10.22 8.79 18.22
C GLN A 199 11.35 7.77 18.23
N ASP A 200 11.07 6.53 17.87
CA ASP A 200 12.06 5.47 17.92
C ASP A 200 13.06 5.63 16.78
N LYS A 201 14.19 4.95 16.91
CA LYS A 201 15.18 4.98 15.84
C LYS A 201 14.61 4.35 14.58
N ASN A 202 14.76 5.05 13.44
CA ASN A 202 14.31 4.54 12.14
C ASN A 202 12.87 4.06 12.22
N PRO A 203 11.91 4.97 12.38
CA PRO A 203 10.51 4.55 12.57
C PRO A 203 9.95 3.78 11.40
N TYR A 204 10.35 4.11 10.16
CA TYR A 204 9.94 3.34 8.99
C TYR A 204 10.93 2.20 8.77
N SER A 205 10.41 0.98 8.66
CA SER A 205 11.29 -0.18 8.57
C SER A 205 10.58 -1.28 7.81
N PHE A 206 11.32 -2.36 7.50
CA PHE A 206 10.63 -3.55 7.01
C PHE A 206 9.51 -3.94 7.97
N GLN A 207 9.76 -3.83 9.26
CA GLN A 207 8.77 -4.22 10.27
C GLN A 207 7.52 -3.35 10.25
N SER A 208 7.65 -2.04 9.98
CA SER A 208 6.43 -1.24 9.91
C SER A 208 5.60 -1.59 8.66
N ASP A 209 6.27 -1.95 7.55
CA ASP A 209 5.54 -2.49 6.40
C ASP A 209 4.80 -3.77 6.78
N VAL A 210 5.45 -4.64 7.55
CA VAL A 210 4.79 -5.88 7.98
C VAL A 210 3.52 -5.57 8.76
N TYR A 211 3.56 -4.57 9.64
CA TYR A 211 2.38 -4.20 10.41
C TYR A 211 1.23 -3.77 9.49
N ALA A 212 1.54 -2.92 8.50
CA ALA A 212 0.49 -2.51 7.56
C ALA A 212 -0.07 -3.71 6.82
N PHE A 213 0.80 -4.65 6.42
CA PHE A 213 0.35 -5.91 5.83
C PHE A 213 -0.56 -6.66 6.78
N GLY A 214 -0.21 -6.68 8.07
CA GLY A 214 -1.06 -7.31 9.06
C GLY A 214 -2.46 -6.72 9.08
N ILE A 215 -2.56 -5.41 8.89
CA ILE A 215 -3.89 -4.77 8.82
C ILE A 215 -4.62 -5.19 7.54
N VAL A 216 -3.91 -5.28 6.42
CA VAL A 216 -4.54 -5.78 5.19
C VAL A 216 -5.06 -7.20 5.39
N LEU A 217 -4.28 -8.04 6.09
CA LEU A 217 -4.75 -9.38 6.43
C LEU A 217 -6.03 -9.32 7.26
N TYR A 218 -6.07 -8.40 8.23
CA TYR A 218 -7.28 -8.24 9.03
C TYR A 218 -8.47 -7.91 8.13
N GLU A 219 -8.28 -7.00 7.18
CA GLU A 219 -9.36 -6.64 6.28
C GLU A 219 -9.83 -7.85 5.48
N LEU A 220 -8.89 -8.60 4.93
CA LEU A 220 -9.25 -9.77 4.12
C LEU A 220 -10.01 -10.79 4.95
N MET A 221 -9.55 -11.05 6.18
CA MET A 221 -10.04 -12.20 6.91
C MET A 221 -11.25 -11.86 7.78
N THR A 222 -11.56 -10.57 7.94
CA THR A 222 -12.78 -10.13 8.60
C THR A 222 -13.79 -9.48 7.65
N GLY A 223 -13.34 -8.98 6.50
CA GLY A 223 -14.18 -8.15 5.67
C GLY A 223 -14.37 -6.73 6.18
N GLN A 224 -13.70 -6.35 7.27
CA GLN A 224 -13.94 -5.07 7.93
C GLN A 224 -12.64 -4.29 8.05
N LEU A 225 -12.78 -2.97 8.12
CA LEU A 225 -11.67 -2.15 8.57
C LEU A 225 -11.47 -2.35 10.08
N PRO A 226 -10.23 -2.23 10.56
CA PRO A 226 -10.01 -2.31 12.01
C PRO A 226 -10.63 -1.12 12.72
N TYR A 227 -10.98 -1.33 14.00
CA TYR A 227 -11.44 -0.27 14.90
C TYR A 227 -12.74 0.36 14.44
N SER A 228 -13.58 -0.39 13.72
CA SER A 228 -14.85 0.17 13.26
C SER A 228 -15.78 0.54 14.40
N ASN A 229 -15.54 0.04 15.62
CA ASN A 229 -16.27 0.40 16.82
C ASN A 229 -15.77 1.68 17.48
N ILE A 230 -14.70 2.27 16.97
CA ILE A 230 -14.15 3.51 17.49
C ILE A 230 -14.42 4.60 16.45
N ASN A 231 -15.31 5.53 16.80
CA ASN A 231 -15.78 6.56 15.89
C ASN A 231 -14.75 7.64 15.62
N ASN A 232 -13.76 7.79 16.49
CA ASN A 232 -12.95 8.98 16.59
C ASN A 232 -11.54 8.67 16.09
N ARG A 233 -11.13 9.33 15.00
CA ARG A 233 -9.80 9.03 14.48
C ARG A 233 -8.69 9.55 15.41
N ASP A 234 -8.98 10.57 16.22
CA ASP A 234 -7.98 11.05 17.17
C ASP A 234 -7.74 10.04 18.28
N GLN A 235 -8.80 9.39 18.76
CA GLN A 235 -8.61 8.34 19.76
C GLN A 235 -7.80 7.20 19.16
N ILE A 236 -8.04 6.87 17.89
CA ILE A 236 -7.26 5.81 17.25
C ILE A 236 -5.78 6.19 17.20
N ILE A 237 -5.48 7.40 16.69
CA ILE A 237 -4.09 7.85 16.63
C ILE A 237 -3.43 7.72 17.99
N ALA A 238 -4.07 8.28 19.02
CA ALA A 238 -3.45 8.31 20.33
C ALA A 238 -3.32 6.91 20.92
N MET A 239 -4.37 6.10 20.79
CA MET A 239 -4.39 4.79 21.44
CA MET A 239 -4.37 4.80 21.45
C MET A 239 -3.41 3.83 20.78
N VAL A 240 -3.42 3.76 19.45
CA VAL A 240 -2.45 2.88 18.80
C VAL A 240 -1.04 3.37 19.08
N GLY A 241 -0.82 4.68 19.02
CA GLY A 241 0.52 5.20 19.27
C GLY A 241 1.02 4.93 20.67
N ALA A 242 0.11 4.83 21.64
CA ALA A 242 0.45 4.51 23.02
C ALA A 242 0.58 3.01 23.28
N GLY A 243 0.41 2.17 22.26
CA GLY A 243 0.45 0.73 22.47
C GLY A 243 -0.78 0.18 23.17
N ALA A 244 -1.92 0.85 23.01
CA ALA A 244 -3.13 0.51 23.79
C ALA A 244 -4.32 0.12 22.92
N LEU A 245 -4.11 -0.11 21.62
CA LEU A 245 -5.22 -0.48 20.75
C LEU A 245 -4.71 -1.39 19.65
N SER A 246 -5.41 -2.50 19.44
CA SER A 246 -5.08 -3.52 18.45
CA SER A 246 -5.07 -3.49 18.43
C SER A 246 -6.36 -4.01 17.80
N PRO A 247 -6.29 -4.48 16.54
CA PRO A 247 -7.52 -4.99 15.90
C PRO A 247 -8.14 -6.14 16.67
N ASP A 248 -9.48 -6.20 16.62
CA ASP A 248 -10.24 -7.24 17.33
C ASP A 248 -10.21 -8.51 16.49
N LEU A 249 -9.33 -9.45 16.85
CA LEU A 249 -9.17 -10.64 16.03
C LEU A 249 -10.32 -11.64 16.19
N SER A 250 -11.27 -11.39 17.10
CA SER A 250 -12.44 -12.25 17.19
C SER A 250 -13.38 -12.09 15.99
N LYS A 251 -13.18 -11.05 15.17
CA LYS A 251 -14.02 -10.80 14.01
C LYS A 251 -13.60 -11.56 12.77
N VAL A 252 -12.53 -12.37 12.85
CA VAL A 252 -12.09 -13.14 11.70
C VAL A 252 -13.11 -14.21 11.37
N ARG A 253 -13.42 -14.39 10.08
CA ARG A 253 -14.44 -15.34 9.66
C ARG A 253 -14.13 -16.74 10.17
N SER A 254 -15.19 -17.56 10.30
CA SER A 254 -15.06 -18.84 10.99
C SER A 254 -14.19 -19.82 10.22
N ASN A 255 -14.10 -19.68 8.90
CA ASN A 255 -13.29 -20.59 8.09
C ASN A 255 -11.89 -20.04 7.81
N CYS A 256 -11.47 -18.99 8.50
CA CYS A 256 -10.11 -18.55 8.36
C CYS A 256 -9.18 -19.52 9.09
N PRO A 257 -8.13 -20.01 8.43
CA PRO A 257 -7.28 -21.03 9.07
C PRO A 257 -6.60 -20.47 10.32
N LYS A 258 -6.47 -21.33 11.34
CA LYS A 258 -5.82 -20.90 12.58
C LYS A 258 -4.40 -20.42 12.34
N ALA A 259 -3.66 -21.08 11.45
CA ALA A 259 -2.31 -20.61 11.13
C ALA A 259 -2.33 -19.20 10.56
N MET A 260 -3.37 -18.85 9.82
CA MET A 260 -3.44 -17.51 9.22
C MET A 260 -3.79 -16.49 10.30
N LYS A 261 -4.67 -16.87 11.24
CA LYS A 261 -4.99 -15.99 12.37
C LYS A 261 -3.77 -15.77 13.26
N ARG A 262 -2.96 -16.82 13.47
CA ARG A 262 -1.71 -16.64 14.23
C ARG A 262 -0.76 -15.72 13.50
N LEU A 263 -0.60 -15.92 12.19
CA LEU A 263 0.29 -15.08 11.40
C LEU A 263 -0.12 -13.61 11.50
N MET A 264 -1.42 -13.36 11.47
CA MET A 264 -1.91 -11.99 11.53
C MET A 264 -1.55 -11.34 12.85
N ALA A 265 -1.67 -12.08 13.96
CA ALA A 265 -1.27 -11.54 15.26
C ALA A 265 0.23 -11.30 15.35
N GLU A 266 1.03 -12.14 14.67
CA GLU A 266 2.48 -11.93 14.65
C GLU A 266 2.83 -10.64 13.91
N CYS A 267 2.20 -10.40 12.76
CA CYS A 267 2.48 -9.20 11.97
C CYS A 267 2.07 -7.94 12.70
N LEU A 268 1.05 -8.03 13.55
CA LEU A 268 0.47 -6.89 14.26
C LEU A 268 1.11 -6.63 15.62
N LYS A 269 2.20 -7.33 15.95
CA LYS A 269 2.80 -7.18 17.28
C LYS A 269 3.17 -5.72 17.52
N LYS A 270 2.85 -5.22 18.71
CA LYS A 270 3.12 -3.81 18.99
C LYS A 270 4.62 -3.54 19.03
N LYS A 271 5.40 -4.49 19.54
CA LYS A 271 6.85 -4.39 19.56
C LYS A 271 7.39 -4.84 18.20
N ARG A 272 7.98 -3.91 17.45
CA ARG A 272 8.29 -4.17 16.05
C ARG A 272 9.28 -5.31 15.88
N ASP A 273 10.21 -5.49 16.83
CA ASP A 273 11.20 -6.56 16.73
C ASP A 273 10.56 -7.94 16.81
N GLU A 274 9.34 -8.03 17.32
CA GLU A 274 8.62 -9.29 17.39
C GLU A 274 7.90 -9.64 16.09
N ARG A 275 7.95 -8.78 15.08
CA ARG A 275 7.18 -9.10 13.88
C ARG A 275 8.04 -9.93 12.93
N PRO A 276 7.47 -10.91 12.23
CA PRO A 276 8.24 -11.65 11.22
C PRO A 276 8.48 -10.77 10.00
N LEU A 277 9.47 -11.13 9.20
CA LEU A 277 9.72 -10.41 7.96
C LEU A 277 9.10 -11.19 6.81
N PHE A 278 9.18 -10.63 5.60
CA PHE A 278 8.34 -11.22 4.56
C PHE A 278 8.80 -12.58 4.03
N PRO A 279 10.09 -12.94 4.05
CA PRO A 279 10.43 -14.33 3.70
C PRO A 279 9.72 -15.32 4.60
N GLN A 280 9.71 -15.06 5.91
N GLN A 280 9.68 -15.06 5.91
CA GLN A 280 9.00 -15.93 6.84
CA GLN A 280 8.99 -15.96 6.83
C GLN A 280 7.49 -15.88 6.59
C GLN A 280 7.48 -15.88 6.64
N ILE A 281 6.94 -14.68 6.42
CA ILE A 281 5.50 -14.53 6.17
C ILE A 281 5.08 -15.31 4.93
N LEU A 282 5.83 -15.14 3.84
CA LEU A 282 5.50 -15.85 2.61
C LEU A 282 5.53 -17.35 2.81
N ALA A 283 6.58 -17.85 3.47
CA ALA A 283 6.68 -19.29 3.71
C ALA A 283 5.49 -19.79 4.53
N SER A 284 5.04 -19.00 5.51
CA SER A 284 3.89 -19.41 6.31
CA SER A 284 3.88 -19.42 6.31
C SER A 284 2.62 -19.50 5.46
N ILE A 285 2.37 -18.49 4.63
CA ILE A 285 1.18 -18.49 3.80
C ILE A 285 1.25 -19.60 2.75
N GLU A 286 2.41 -19.74 2.10
CA GLU A 286 2.56 -20.78 1.11
C GLU A 286 2.37 -22.15 1.72
N LEU A 287 2.90 -22.36 2.93
CA LEU A 287 2.70 -23.64 3.60
C LEU A 287 1.22 -23.91 3.87
N LEU A 288 0.47 -22.91 4.36
CA LEU A 288 -0.92 -23.20 4.67
C LEU A 288 -1.77 -23.31 3.41
N ALA A 289 -1.42 -22.58 2.35
CA ALA A 289 -2.12 -22.76 1.07
C ALA A 289 -1.91 -24.16 0.53
N ARG A 290 -0.65 -24.63 0.54
CA ARG A 290 -0.34 -25.98 0.08
C ARG A 290 -0.71 -27.05 1.10
N SER A 291 -1.22 -26.66 2.27
CA SER A 291 -1.73 -27.61 3.24
C SER A 291 -3.22 -27.84 3.08
N LEU A 292 -3.86 -27.18 2.11
CA LEU A 292 -5.26 -27.45 1.81
C LEU A 292 -5.38 -28.36 0.60
C1 PEG B . 13.70 -0.22 -15.85
O1 PEG B . 14.78 -1.13 -16.00
C2 PEG B . 14.19 1.17 -15.55
O2 PEG B . 15.20 1.53 -16.47
C3 PEG B . 16.28 2.26 -15.88
C4 PEG B . 17.22 1.31 -15.22
O4 PEG B . 17.35 0.11 -15.96
C1 GOL C . 5.30 7.64 2.63
O1 GOL C . 6.46 8.27 2.19
C2 GOL C . 4.89 8.38 3.90
O2 GOL C . 5.98 8.93 4.56
C3 GOL C . 3.90 9.43 3.39
O3 GOL C . 4.42 10.70 3.73
C18 A1AN9 D . -0.97 5.80 -10.18
C14 A1AN9 D . -0.37 4.62 -8.15
C13 A1AN9 D . -1.35 5.02 -9.07
C17 A1AN9 D . 0.38 6.18 -10.38
C16 A1AN9 D . 1.35 5.78 -9.43
C15 A1AN9 D . 0.97 5.00 -8.32
C11 A1AN9 D . -5.47 4.42 -8.33
C10 A1AN9 D . -6.99 2.50 -10.11
C8 A1AN9 D . -6.79 1.00 -11.98
C22 A1AN9 D . 4.12 3.96 -8.76
C5 A1AN9 D . -2.72 3.15 -10.73
C6 A1AN9 D . -3.44 2.26 -11.56
C1 A1AN9 D . -4.82 2.07 -11.33
C4 A1AN9 D . -3.40 3.84 -9.69
C2 A1AN9 D . -5.50 2.76 -10.29
C3 A1AN9 D . -4.78 3.65 -9.47
C23 A1AN9 D . 4.17 2.47 -8.41
C24 A1AN9 D . 4.84 1.67 -9.53
C29 A1AN9 D . -8.98 1.32 -10.88
F19 A1AN9 D . -1.94 6.15 -11.04
F25 A1AN9 D . 6.02 2.21 -9.82
N12 A1AN9 D . -2.68 4.68 -8.88
N20 A1AN9 D . 1.89 4.59 -7.38
N7 A1AN9 D . -5.52 1.19 -12.16
N9 A1AN9 D . -7.53 1.61 -10.99
O26 A1AN9 D . 4.13 4.46 -6.15
O27 A1AN9 D . 3.71 6.36 -7.70
O28 A1AN9 D . -7.70 3.02 -9.25
S21 A1AN9 D . 3.45 4.96 -7.37
CL1 A1AN9 D . -0.85 3.69 -6.78
#